data_9HSQ
#
_entry.id   9HSQ
#
_cell.length_a   50.308
_cell.length_b   69.725
_cell.length_c   119.218
_cell.angle_alpha   90.000
_cell.angle_beta   90.000
_cell.angle_gamma   90.000
#
_symmetry.space_group_name_H-M   'I 2 2 2'
#
loop_
_entity.id
_entity.type
_entity.pdbx_description
1 polymer 'choline-phosphate cytidylyltransferase'
2 non-polymer 4-(aminomethyl)pyridin-2-amine
3 water water
#
_entity_poly.entity_id   1
_entity_poly.type   'polypeptide(L)'
_entity_poly.pdbx_seq_one_letter_code
;GHMAVPDDDDDDDNSNDESEYESSQMDSEKNKGSIKNSKNVVIYADGVYDMLHLGHMKQLEQAKKLFENTTLIVGVTSDN
ETKLFKGQVVQTLEERTETLKHIRWVDEIISPCPWVVTPEFLEKYKIDYVAHDDIPYANNQKEDIYAWLKRAGKFKATQR
TEGVSTTDLIVRILKNYED
;
_entity_poly.pdbx_strand_id   A
#
# COMPACT_ATOMS: atom_id res chain seq x y z
N LYS A 39 16.07 14.02 10.81
CA LYS A 39 15.68 12.78 11.45
C LYS A 39 14.37 12.22 10.87
N ASN A 40 13.49 13.07 10.30
CA ASN A 40 12.24 12.55 9.77
C ASN A 40 12.45 11.90 8.40
N VAL A 41 11.94 10.68 8.24
CA VAL A 41 12.14 9.87 7.04
C VAL A 41 10.80 9.72 6.32
N VAL A 42 10.77 10.02 5.03
CA VAL A 42 9.54 9.90 4.25
C VAL A 42 9.49 8.50 3.65
N ILE A 43 8.45 7.75 4.02
CA ILE A 43 8.20 6.38 3.53
C ILE A 43 7.02 6.44 2.57
N TYR A 44 7.13 5.73 1.45
CA TYR A 44 6.04 5.61 0.48
C TYR A 44 5.61 4.15 0.35
N ALA A 45 4.31 3.91 0.51
CA ALA A 45 3.73 2.59 0.21
C ALA A 45 2.53 2.80 -0.71
N ASP A 46 2.45 2.01 -1.75
CA ASP A 46 1.35 2.11 -2.70
C ASP A 46 0.62 0.78 -2.77
N GLY A 47 -0.58 0.82 -3.33
CA GLY A 47 -1.39 -0.38 -3.35
C GLY A 47 -2.78 -0.07 -3.80
N VAL A 48 -3.55 -1.14 -3.97
CA VAL A 48 -4.95 -0.96 -4.33
C VAL A 48 -5.77 -0.59 -3.11
N TYR A 49 -5.53 -1.26 -1.98
CA TYR A 49 -6.31 -1.04 -0.75
C TYR A 49 -7.80 -1.25 -0.98
N ASP A 50 -8.12 -2.29 -1.74
CA ASP A 50 -9.51 -2.71 -1.96
C ASP A 50 -10.03 -3.43 -0.73
N MET A 51 -11.24 -3.05 -0.28
CA MET A 51 -11.87 -3.65 0.89
C MET A 51 -10.85 -3.83 2.03
N LEU A 52 -10.38 -2.71 2.56
CA LEU A 52 -9.28 -2.67 3.52
C LEU A 52 -9.53 -3.60 4.70
N HIS A 53 -8.54 -4.43 5.03
CA HIS A 53 -8.66 -5.39 6.13
C HIS A 53 -7.43 -5.29 7.02
N LEU A 54 -7.40 -6.10 8.08
CA LEU A 54 -6.33 -6.04 9.06
C LEU A 54 -4.96 -6.29 8.43
N GLY A 55 -4.91 -7.11 7.37
CA GLY A 55 -3.66 -7.32 6.67
C GLY A 55 -3.06 -6.03 6.12
N HIS A 56 -3.88 -5.25 5.41
CA HIS A 56 -3.44 -3.94 4.94
C HIS A 56 -2.98 -3.09 6.11
N MET A 57 -3.77 -3.07 7.19
CA MET A 57 -3.48 -2.17 8.29
C MET A 57 -2.17 -2.53 8.99
N LYS A 58 -1.92 -3.82 9.20
CA LYS A 58 -0.64 -4.23 9.78
C LYS A 58 0.52 -3.88 8.87
N GLN A 59 0.32 -3.97 7.55
CA GLN A 59 1.36 -3.59 6.60
C GLN A 59 1.66 -2.11 6.68
N LEU A 60 0.61 -1.30 6.79
CA LEU A 60 0.81 0.14 6.91
C LEU A 60 1.50 0.49 8.21
N GLU A 61 1.13 -0.18 9.30
CA GLU A 61 1.79 0.03 10.58
C GLU A 61 3.27 -0.28 10.49
N GLN A 62 3.61 -1.37 9.81
CA GLN A 62 5.01 -1.77 9.66
C GLN A 62 5.80 -0.71 8.91
N ALA A 63 5.23 -0.21 7.80
CA ALA A 63 5.91 0.86 7.06
C ALA A 63 6.05 2.11 7.91
N LYS A 64 4.99 2.50 8.63
CA LYS A 64 5.08 3.68 9.49
C LYS A 64 6.21 3.54 10.53
N LYS A 65 6.41 2.34 11.05
CA LYS A 65 7.32 2.13 12.16
C LYS A 65 8.71 1.69 11.72
N LEU A 66 9.05 1.87 10.44
CA LEU A 66 10.36 1.43 9.96
C LEU A 66 11.48 2.23 10.58
N PHE A 67 11.23 3.49 10.91
CA PHE A 67 12.19 4.32 11.62
C PHE A 67 11.45 5.06 12.72
N GLU A 68 12.23 5.65 13.63
CA GLU A 68 11.65 6.35 14.78
C GLU A 68 10.72 7.46 14.35
N ASN A 69 11.14 8.29 13.40
CA ASN A 69 10.37 9.46 12.99
C ASN A 69 10.12 9.39 11.49
N THR A 70 8.86 9.16 11.10
CA THR A 70 8.51 8.97 9.70
C THR A 70 7.31 9.83 9.34
N THR A 71 7.22 10.13 8.05
CA THR A 71 5.96 10.46 7.39
C THR A 71 5.64 9.34 6.42
N LEU A 72 4.48 8.70 6.59
CA LEU A 72 4.07 7.61 5.71
C LEU A 72 3.12 8.18 4.65
N ILE A 73 3.56 8.16 3.40
CA ILE A 73 2.75 8.55 2.26
C ILE A 73 2.22 7.26 1.65
N VAL A 74 0.91 7.19 1.45
CA VAL A 74 0.26 6.02 0.84
C VAL A 74 -0.25 6.43 -0.54
N GLY A 75 0.09 5.64 -1.55
CA GLY A 75 -0.45 5.82 -2.90
C GLY A 75 -1.57 4.82 -3.15
N VAL A 76 -2.68 5.31 -3.71
CA VAL A 76 -3.84 4.50 -4.03
C VAL A 76 -3.99 4.43 -5.54
N THR A 77 -3.99 3.21 -6.09
CA THR A 77 -3.96 3.04 -7.54
C THR A 77 -5.32 3.37 -8.18
N SER A 78 -5.26 3.86 -9.40
CA SER A 78 -6.47 4.25 -10.11
C SER A 78 -7.32 3.03 -10.47
N ASP A 79 -8.61 3.29 -10.73
CA ASP A 79 -9.51 2.21 -11.11
C ASP A 79 -9.07 1.60 -12.44
N ASN A 80 -8.79 2.46 -13.42
CA ASN A 80 -8.50 1.97 -14.76
C ASN A 80 -7.22 1.13 -14.77
N GLU A 81 -6.18 1.61 -14.09
CA GLU A 81 -4.91 0.90 -14.13
C GLU A 81 -4.95 -0.38 -13.30
N THR A 82 -5.66 -0.37 -12.16
CA THR A 82 -5.84 -1.60 -11.42
C THR A 82 -6.57 -2.66 -12.25
N LYS A 83 -7.61 -2.26 -12.99
CA LYS A 83 -8.31 -3.23 -13.82
C LYS A 83 -7.42 -3.74 -14.94
N LEU A 84 -6.67 -2.83 -15.59
CA LEU A 84 -5.86 -3.21 -16.73
C LEU A 84 -4.77 -4.20 -16.34
N PHE A 85 -4.09 -3.95 -15.22
CA PHE A 85 -2.89 -4.70 -14.85
C PHE A 85 -3.12 -5.78 -13.81
N LYS A 86 -4.03 -5.57 -12.86
CA LYS A 86 -4.27 -6.56 -11.82
C LYS A 86 -5.58 -7.30 -12.01
N GLY A 87 -6.65 -6.56 -12.23
CA GLY A 87 -7.94 -7.13 -12.51
C GLY A 87 -9.01 -6.35 -11.78
N GLN A 88 -10.14 -7.00 -11.58
CA GLN A 88 -11.29 -6.33 -11.01
C GLN A 88 -10.89 -5.62 -9.73
N VAL A 89 -11.65 -4.58 -9.39
CA VAL A 89 -11.56 -3.91 -8.10
C VAL A 89 -12.99 -3.71 -7.62
N VAL A 90 -13.22 -3.96 -6.34
CA VAL A 90 -14.59 -3.95 -5.84
C VAL A 90 -15.04 -2.54 -5.49
N GLN A 91 -14.17 -1.75 -4.86
CA GLN A 91 -14.47 -0.38 -4.45
C GLN A 91 -13.80 0.61 -5.39
N THR A 92 -14.46 1.75 -5.60
CA THR A 92 -13.93 2.79 -6.46
C THR A 92 -12.73 3.46 -5.79
N LEU A 93 -11.98 4.24 -6.59
CA LEU A 93 -10.85 4.97 -6.03
C LEU A 93 -11.30 5.83 -4.85
N GLU A 94 -12.42 6.54 -4.99
CA GLU A 94 -12.87 7.42 -3.91
C GLU A 94 -13.20 6.63 -2.65
N GLU A 95 -13.84 5.47 -2.78
CA GLU A 95 -14.15 4.63 -1.62
C GLU A 95 -12.88 4.07 -0.98
N ARG A 96 -11.92 3.59 -1.78
CA ARG A 96 -10.71 3.05 -1.19
C ARG A 96 -9.91 4.14 -0.50
N THR A 97 -9.92 5.34 -1.07
CA THR A 97 -9.15 6.44 -0.48
C THR A 97 -9.77 6.91 0.83
N GLU A 98 -11.10 7.00 0.89
CA GLU A 98 -11.77 7.49 2.09
C GLU A 98 -11.52 6.58 3.28
N THR A 99 -11.53 5.27 3.07
CA THR A 99 -11.27 4.37 4.19
C THR A 99 -9.87 4.61 4.76
N LEU A 100 -8.88 4.74 3.87
CA LEU A 100 -7.48 4.96 4.25
C LEU A 100 -7.29 6.20 5.11
N LYS A 101 -8.09 7.23 4.92
CA LYS A 101 -7.89 8.42 5.74
C LYS A 101 -8.20 8.18 7.20
N HIS A 102 -8.91 7.09 7.54
CA HIS A 102 -9.22 6.78 8.92
C HIS A 102 -8.17 5.90 9.60
N ILE A 103 -7.12 5.54 8.91
CA ILE A 103 -6.11 4.61 9.46
C ILE A 103 -5.02 5.41 10.13
N ARG A 104 -4.69 5.00 11.36
CA ARG A 104 -3.79 5.75 12.24
C ARG A 104 -2.43 6.01 11.62
N TRP A 105 -1.91 5.04 10.86
CA TRP A 105 -0.53 5.10 10.40
C TRP A 105 -0.35 5.99 9.17
N VAL A 106 -1.44 6.35 8.50
CA VAL A 106 -1.38 7.05 7.23
C VAL A 106 -1.24 8.55 7.52
N ASP A 107 -0.14 9.15 7.07
CA ASP A 107 0.09 10.58 7.23
C ASP A 107 -0.38 11.39 6.02
N GLU A 108 -0.13 10.90 4.82
CA GLU A 108 -0.47 11.61 3.60
C GLU A 108 -0.92 10.60 2.57
N ILE A 109 -1.76 11.03 1.64
CA ILE A 109 -2.27 10.12 0.63
C ILE A 109 -2.09 10.77 -0.73
N ILE A 110 -1.56 10.02 -1.67
CA ILE A 110 -1.53 10.38 -3.08
C ILE A 110 -2.57 9.52 -3.78
N SER A 111 -3.68 10.12 -4.19
CA SER A 111 -4.78 9.37 -4.82
C SER A 111 -5.36 10.16 -5.99
N PRO A 112 -5.23 9.65 -7.22
CA PRO A 112 -4.57 8.37 -7.43
C PRO A 112 -3.06 8.49 -7.57
N CYS A 113 -2.37 7.38 -7.41
CA CYS A 113 -0.93 7.35 -7.56
C CYS A 113 -0.56 6.69 -8.88
N PRO A 114 0.66 6.89 -9.35
CA PRO A 114 1.11 6.20 -10.57
C PRO A 114 1.21 4.71 -10.31
N TRP A 115 1.10 3.93 -11.38
CA TRP A 115 1.18 2.48 -11.23
C TRP A 115 2.61 2.03 -10.96
N VAL A 116 3.58 2.58 -11.68
CA VAL A 116 4.99 2.22 -11.54
C VAL A 116 5.72 3.39 -10.87
N VAL A 117 6.50 3.07 -9.85
CA VAL A 117 7.33 4.06 -9.17
C VAL A 117 8.52 4.41 -10.06
N THR A 118 8.84 5.69 -10.14
CA THR A 118 9.99 6.15 -10.93
C THR A 118 10.94 6.95 -10.06
N PRO A 119 12.23 6.99 -10.41
CA PRO A 119 13.16 7.89 -9.70
C PRO A 119 12.64 9.32 -9.62
N GLU A 120 12.02 9.83 -10.71
CA GLU A 120 11.48 11.17 -10.71
C GLU A 120 10.39 11.34 -9.64
N PHE A 121 9.58 10.30 -9.45
CA PHE A 121 8.52 10.36 -8.45
C PHE A 121 9.10 10.52 -7.05
N LEU A 122 10.14 9.74 -6.73
CA LEU A 122 10.80 9.85 -5.42
C LEU A 122 11.32 11.27 -5.17
N GLU A 123 11.90 11.91 -6.18
CA GLU A 123 12.43 13.25 -5.98
C GLU A 123 11.30 14.28 -5.84
N LYS A 124 10.24 14.13 -6.65
CA LYS A 124 9.13 15.07 -6.60
C LYS A 124 8.54 15.14 -5.20
N TYR A 125 8.32 13.97 -4.58
CA TYR A 125 7.69 13.86 -3.26
C TYR A 125 8.70 13.69 -2.13
N LYS A 126 10.01 13.80 -2.41
CA LYS A 126 11.06 13.72 -1.40
C LYS A 126 10.96 12.43 -0.58
N ILE A 127 10.73 11.31 -1.26
CA ILE A 127 10.51 10.03 -0.61
C ILE A 127 11.88 9.40 -0.32
N ASP A 128 12.08 8.95 0.91
CA ASP A 128 13.36 8.32 1.27
C ASP A 128 13.36 6.80 1.06
N TYR A 129 12.23 6.13 1.26
CA TYR A 129 12.18 4.68 1.10
C TYR A 129 10.81 4.29 0.59
N VAL A 130 10.78 3.19 -0.16
CA VAL A 130 9.55 2.57 -0.64
C VAL A 130 9.36 1.26 0.10
N ALA A 131 8.22 1.11 0.76
CA ALA A 131 7.90 -0.07 1.53
C ALA A 131 7.00 -0.99 0.70
N HIS A 132 7.47 -2.21 0.45
CA HIS A 132 6.76 -3.18 -0.36
C HIS A 132 6.88 -4.56 0.29
N ASP A 133 5.90 -5.44 0.00
CA ASP A 133 5.97 -6.79 0.52
C ASP A 133 6.90 -7.70 -0.28
N ASP A 134 7.38 -7.25 -1.44
CA ASP A 134 8.20 -8.08 -2.34
C ASP A 134 7.44 -9.30 -2.85
N ILE A 135 6.12 -9.29 -2.79
CA ILE A 135 5.28 -10.38 -3.29
C ILE A 135 4.75 -9.98 -4.67
N PRO A 136 5.05 -10.72 -5.73
CA PRO A 136 4.87 -10.19 -7.08
C PRO A 136 3.43 -9.79 -7.37
N TYR A 137 3.28 -8.85 -8.30
CA TYR A 137 1.98 -8.40 -8.78
C TYR A 137 2.14 -7.83 -10.17
N ASP A 144 12.09 -8.49 -11.33
CA ASP A 144 11.93 -7.68 -10.14
C ASP A 144 12.00 -6.19 -10.48
N ILE A 145 10.82 -5.57 -10.66
CA ILE A 145 10.76 -4.17 -11.06
C ILE A 145 11.32 -3.26 -9.99
N TYR A 146 11.49 -3.76 -8.77
CA TYR A 146 12.00 -3.04 -7.63
C TYR A 146 13.51 -3.22 -7.41
N ALA A 147 14.20 -3.97 -8.28
CA ALA A 147 15.64 -4.13 -8.12
C ALA A 147 16.35 -2.78 -8.07
N TRP A 148 15.90 -1.81 -8.87
CA TRP A 148 16.58 -0.52 -8.86
C TRP A 148 16.44 0.17 -7.51
N LEU A 149 15.33 -0.05 -6.80
CA LEU A 149 15.20 0.52 -5.45
C LEU A 149 16.14 -0.16 -4.47
N LYS A 150 16.21 -1.49 -4.51
CA LYS A 150 17.15 -2.22 -3.65
C LYS A 150 18.59 -1.78 -3.92
N ARG A 151 18.96 -1.66 -5.20
CA ARG A 151 20.28 -1.13 -5.56
C ARG A 151 20.57 0.21 -4.89
N ALA A 152 19.56 1.05 -4.74
CA ALA A 152 19.78 2.41 -4.29
C ALA A 152 19.72 2.54 -2.78
N GLY A 153 19.49 1.44 -2.06
CA GLY A 153 19.26 1.49 -0.63
C GLY A 153 17.91 2.05 -0.22
N LYS A 154 16.93 2.04 -1.12
CA LYS A 154 15.65 2.70 -0.84
C LYS A 154 14.48 1.71 -0.73
N PHE A 155 14.74 0.41 -0.68
CA PHE A 155 13.68 -0.59 -0.60
C PHE A 155 13.57 -1.07 0.85
N LYS A 156 12.38 -1.00 1.43
CA LYS A 156 12.15 -1.57 2.76
C LYS A 156 11.04 -2.62 2.69
N ALA A 157 11.36 -3.85 3.07
CA ALA A 157 10.41 -4.94 2.96
C ALA A 157 9.37 -4.87 4.09
N THR A 158 8.12 -5.16 3.74
CA THR A 158 7.03 -5.39 4.68
C THR A 158 6.37 -6.73 4.35
N GLN A 159 5.59 -7.26 5.31
CA GLN A 159 4.97 -8.57 5.14
C GLN A 159 3.45 -8.48 5.14
N ARG A 160 2.85 -9.57 4.65
CA ARG A 160 1.41 -9.78 4.63
C ARG A 160 0.98 -10.60 5.85
N THR A 161 -0.34 -10.61 6.06
CA THR A 161 -0.96 -11.39 7.13
C THR A 161 -2.12 -12.15 6.51
N GLU A 162 -2.05 -13.47 6.49
CA GLU A 162 -3.08 -14.23 5.80
C GLU A 162 -4.28 -14.48 6.72
N GLY A 163 -5.40 -14.87 6.12
CA GLY A 163 -6.58 -15.28 6.87
C GLY A 163 -7.40 -14.15 7.45
N VAL A 164 -7.12 -12.91 7.06
CA VAL A 164 -7.76 -11.72 7.62
C VAL A 164 -8.60 -10.97 6.61
N SER A 165 -8.66 -11.44 5.37
CA SER A 165 -9.30 -10.66 4.32
C SER A 165 -10.82 -10.73 4.45
N THR A 166 -11.47 -9.64 4.03
CA THR A 166 -12.92 -9.59 3.94
C THR A 166 -13.49 -10.86 3.31
N THR A 167 -12.88 -11.31 2.21
CA THR A 167 -13.25 -12.57 1.58
C THR A 167 -13.37 -13.71 2.59
N ASP A 168 -12.36 -13.84 3.45
CA ASP A 168 -12.31 -14.98 4.36
C ASP A 168 -13.46 -14.95 5.37
N LEU A 169 -13.99 -13.77 5.66
CA LEU A 169 -15.02 -13.65 6.69
C LEU A 169 -16.40 -14.05 6.17
N ILE A 170 -16.70 -13.83 4.89
CA ILE A 170 -17.94 -14.37 4.36
C ILE A 170 -17.88 -15.88 4.37
N VAL A 171 -16.71 -16.43 4.07
CA VAL A 171 -16.50 -17.87 4.18
C VAL A 171 -16.79 -18.34 5.61
N ARG A 172 -16.38 -17.55 6.59
CA ARG A 172 -16.67 -17.91 7.97
C ARG A 172 -18.17 -17.81 8.26
N ILE A 173 -18.84 -16.83 7.67
CA ILE A 173 -20.29 -16.71 7.86
C ILE A 173 -21.00 -17.88 7.20
N LEU A 174 -20.55 -18.27 6.02
CA LEU A 174 -21.28 -19.27 5.24
C LEU A 174 -21.11 -20.67 5.83
N LYS A 175 -19.98 -20.94 6.49
CA LYS A 175 -19.75 -22.24 7.10
C LYS A 175 -20.57 -22.39 8.36
N ASN A 176 -21.77 -21.80 8.38
CA ASN A 176 -22.76 -22.02 9.43
C ASN A 176 -24.12 -22.40 8.86
N TYR A 177 -24.19 -22.72 7.57
CA TYR A 177 -25.47 -23.01 6.92
C TYR A 177 -25.39 -24.32 6.13
#